data_2YIG
#
_entry.id   2YIG
#
_cell.length_a   134.417
_cell.length_b   36.074
_cell.length_c   95.206
_cell.angle_alpha   90.00
_cell.angle_beta   131.49
_cell.angle_gamma   90.00
#
_symmetry.space_group_name_H-M   'C 1 2 1'
#
loop_
_entity.id
_entity.type
_entity.pdbx_description
1 polymer 'COLLAGENASE 3'
2 non-polymer 4-(4-{[(3S)-3-HYDROXY-1-AZABICYCLO[2.2.2]OCT-3-YL]ETHYNYL}PHENOXY)-N-(PYRIDIN-4-YLMETHYL)BENZAMIDE
3 non-polymer 'ZINC ION'
4 non-polymer 'CALCIUM ION'
5 non-polymer 'SODIUM ION'
6 water water
#
_entity_poly.entity_id   1
_entity_poly.type   'polypeptide(L)'
_entity_poly.pdbx_seq_one_letter_code
;YNVFPRTLKWSKMNLTYRIVNYTPDMTHSEVEKAFKKAFKVWSDVTPLNFTRLHDGIADIMISFGIKEHGDFYPFDGPSG
LLAHAFPPGPNYGGDAHFDDDETWTSSSKGYNLFLVAAHEFGHSLGLDHSKDPGALMFPIYTYTGKSHFMLPDDDVQGIQ
SLYGPGDEDPN
;
_entity_poly.pdbx_strand_id   A,B
#
# COMPACT_ATOMS: atom_id res chain seq x y z
N TYR A 1 5.55 -5.42 -19.01
CA TYR A 1 4.46 -4.99 -18.08
C TYR A 1 4.63 -5.62 -16.71
N ASN A 2 3.91 -5.12 -15.72
CA ASN A 2 3.91 -5.72 -14.39
C ASN A 2 2.51 -5.67 -13.76
N VAL A 3 2.05 -6.80 -13.23
CA VAL A 3 0.85 -6.88 -12.40
C VAL A 3 1.24 -6.78 -10.95
N PHE A 4 0.29 -6.45 -10.07
CA PHE A 4 0.56 -6.45 -8.66
C PHE A 4 0.68 -7.89 -8.19
N PRO A 5 1.51 -8.11 -7.18
CA PRO A 5 1.61 -9.46 -6.63
C PRO A 5 0.28 -9.97 -6.00
N ARG A 6 0.16 -11.29 -5.83
CA ARG A 6 -1.03 -11.90 -5.14
C ARG A 6 -1.18 -11.61 -3.63
N THR A 7 -0.07 -11.36 -2.93
CA THR A 7 -0.14 -11.06 -1.53
C THR A 7 0.55 -9.70 -1.43
N LEU A 8 0.12 -8.92 -0.45
CA LEU A 8 0.84 -7.71 -0.05
C LEU A 8 2.20 -8.21 0.49
N LYS A 9 3.26 -8.03 -0.27
CA LYS A 9 4.60 -8.26 0.22
C LYS A 9 5.60 -7.25 -0.35
N TRP A 10 6.78 -7.18 0.23
CA TRP A 10 7.88 -6.36 -0.30
C TRP A 10 8.39 -7.06 -1.53
N SER A 11 8.72 -6.26 -2.56
CA SER A 11 9.26 -6.81 -3.81
C SER A 11 10.76 -6.82 -3.80
N LYS A 12 11.35 -6.37 -2.68
CA LYS A 12 12.80 -6.34 -2.48
C LYS A 12 13.12 -6.99 -1.15
N MET A 13 14.28 -7.64 -1.06
CA MET A 13 14.60 -8.34 0.22
C MET A 13 15.42 -7.47 1.16
N ASN A 14 16.05 -6.41 0.66
CA ASN A 14 16.82 -5.48 1.50
C ASN A 14 15.91 -4.34 1.91
N LEU A 15 15.58 -4.28 3.22
CA LEU A 15 14.66 -3.26 3.73
C LEU A 15 15.37 -2.39 4.75
N THR A 16 14.92 -1.13 4.86
CA THR A 16 15.48 -0.23 5.87
C THR A 16 14.46 0.12 6.94
N TYR A 17 14.94 0.48 8.12
CA TYR A 17 14.02 0.96 9.12
C TYR A 17 14.61 2.15 9.82
N ARG A 18 13.72 2.98 10.41
CA ARG A 18 14.15 4.18 11.12
C ARG A 18 13.38 4.26 12.42
N ILE A 19 14.11 4.36 13.53
CA ILE A 19 13.45 4.58 14.84
C ILE A 19 13.28 6.12 14.92
N VAL A 20 12.09 6.59 14.66
CA VAL A 20 11.85 8.03 14.55
C VAL A 20 11.87 8.73 15.91
N ASN A 21 11.38 8.04 16.93
CA ASN A 21 11.42 8.59 18.30
C ASN A 21 11.35 7.43 19.28
N TYR A 22 11.47 7.77 20.58
CA TYR A 22 11.73 6.77 21.60
C TYR A 22 10.79 6.94 22.79
N THR A 23 10.52 5.82 23.40
CA THR A 23 9.67 5.72 24.59
C THR A 23 10.43 6.24 25.78
N PRO A 24 9.71 6.89 26.70
CA PRO A 24 10.32 7.26 28.00
C PRO A 24 10.82 6.07 28.80
N ASP A 25 10.25 4.86 28.55
CA ASP A 25 10.35 3.76 29.53
C ASP A 25 11.68 3.04 29.53
N MET A 26 12.45 3.26 28.45
CA MET A 26 13.65 2.45 28.19
C MET A 26 14.75 3.28 27.58
N THR A 27 16.00 2.81 27.72
CA THR A 27 17.12 3.62 27.15
C THR A 27 17.08 3.49 25.64
N HIS A 28 17.76 4.44 24.96
CA HIS A 28 17.77 4.33 23.50
C HIS A 28 18.41 3.02 23.11
N SER A 29 19.50 2.69 23.83
CA SER A 29 20.23 1.44 23.55
C SER A 29 19.33 0.17 23.72
N GLU A 30 18.55 0.11 24.81
CA GLU A 30 17.60 -1.01 25.06
C GLU A 30 16.59 -1.11 23.90
N VAL A 31 16.05 0.04 23.50
CA VAL A 31 15.07 0.09 22.39
C VAL A 31 15.70 -0.41 21.05
N GLU A 32 16.89 0.11 20.76
CA GLU A 32 17.58 -0.30 19.55
C GLU A 32 17.87 -1.80 19.56
N LYS A 33 18.29 -2.30 20.71
CA LYS A 33 18.56 -3.75 20.80
C LYS A 33 17.27 -4.60 20.61
N ALA A 34 16.18 -4.12 21.24
CA ALA A 34 14.89 -4.83 21.07
C ALA A 34 14.50 -4.89 19.61
N PHE A 35 14.54 -3.74 18.92
CA PHE A 35 14.10 -3.75 17.51
C PHE A 35 15.07 -4.57 16.67
N LYS A 36 16.39 -4.45 16.93
CA LYS A 36 17.36 -5.20 16.12
C LYS A 36 17.08 -6.73 16.25
N LYS A 37 16.89 -7.19 17.47
CA LYS A 37 16.53 -8.61 17.72
C LYS A 37 15.19 -9.02 17.10
N ALA A 38 14.20 -8.10 17.18
CA ALA A 38 12.87 -8.38 16.57
C ALA A 38 13.02 -8.54 15.04
N PHE A 39 13.84 -7.72 14.40
CA PHE A 39 14.11 -7.93 12.95
C PHE A 39 14.81 -9.24 12.69
N LYS A 40 15.72 -9.62 13.59
CA LYS A 40 16.50 -10.91 13.40
C LYS A 40 15.60 -12.14 13.52
N VAL A 41 14.44 -12.02 14.19
CA VAL A 41 13.46 -13.10 14.26
C VAL A 41 13.09 -13.49 12.82
N TRP A 42 12.85 -12.46 11.99
CA TRP A 42 12.38 -12.68 10.63
C TRP A 42 13.47 -12.84 9.57
N SER A 43 14.58 -12.11 9.72
CA SER A 43 15.70 -12.33 8.76
C SER A 43 16.34 -13.72 8.89
N ASP A 44 16.33 -14.25 10.08
CA ASP A 44 16.90 -15.58 10.36
C ASP A 44 16.20 -16.72 9.58
N VAL A 45 14.96 -16.53 9.17
CA VAL A 45 14.19 -17.58 8.52
C VAL A 45 13.69 -17.25 7.11
N THR A 46 14.28 -16.22 6.51
CA THR A 46 13.95 -15.74 5.19
C THR A 46 15.23 -15.20 4.54
N PRO A 47 15.14 -14.67 3.33
CA PRO A 47 16.32 -13.96 2.74
C PRO A 47 16.32 -12.49 3.11
N LEU A 48 15.39 -12.03 3.97
CA LEU A 48 15.31 -10.58 4.30
C LEU A 48 16.54 -10.08 5.06
N ASN A 49 16.94 -8.85 4.75
CA ASN A 49 17.99 -8.14 5.48
C ASN A 49 17.46 -6.81 5.88
N PHE A 50 17.83 -6.34 7.08
CA PHE A 50 17.33 -5.05 7.61
C PHE A 50 18.50 -4.17 7.97
N THR A 51 18.42 -2.89 7.56
CA THR A 51 19.45 -1.92 7.86
C THR A 51 18.85 -0.74 8.54
N ARG A 52 19.47 -0.31 9.64
CA ARG A 52 18.92 0.89 10.35
C ARG A 52 19.37 2.17 9.65
N LEU A 53 18.40 3.06 9.47
CA LEU A 53 18.71 4.43 9.00
C LEU A 53 18.48 5.33 10.17
N HIS A 54 19.38 6.30 10.30
CA HIS A 54 19.28 7.25 11.41
C HIS A 54 18.33 8.37 11.19
N ASP A 55 18.08 8.70 9.93
CA ASP A 55 17.04 9.66 9.58
C ASP A 55 16.56 9.51 8.10
N GLY A 56 15.77 10.47 7.65
CA GLY A 56 15.24 10.37 6.31
C GLY A 56 14.22 9.27 6.16
N ILE A 57 14.04 8.79 4.92
CA ILE A 57 12.94 7.85 4.63
C ILE A 57 13.38 6.42 4.57
N ALA A 58 12.92 5.64 5.55
CA ALA A 58 13.09 4.19 5.55
C ALA A 58 11.80 3.50 5.14
N ASP A 59 11.95 2.25 4.68
CA ASP A 59 10.78 1.46 4.38
C ASP A 59 9.84 1.35 5.60
N ILE A 60 10.43 0.94 6.74
CA ILE A 60 9.68 0.71 7.99
C ILE A 60 10.01 1.87 8.96
N MET A 61 9.12 2.86 9.06
CA MET A 61 9.31 3.95 10.03
C MET A 61 8.70 3.51 11.32
N ILE A 62 9.50 3.60 12.38
CA ILE A 62 9.02 3.11 13.71
C ILE A 62 8.87 4.33 14.62
N SER A 63 7.73 4.41 15.32
CA SER A 63 7.54 5.56 16.23
C SER A 63 6.64 5.16 17.35
N PHE A 64 6.70 5.93 18.42
CA PHE A 64 5.93 5.75 19.59
C PHE A 64 4.93 6.91 19.65
N GLY A 65 3.69 6.62 19.98
CA GLY A 65 2.74 7.76 20.14
C GLY A 65 1.55 7.35 20.94
N ILE A 66 0.64 8.30 21.15
CA ILE A 66 -0.59 8.01 21.92
C ILE A 66 -1.81 8.59 21.21
N LYS A 67 -2.99 8.04 21.58
CA LYS A 67 -4.23 8.47 20.99
C LYS A 67 -4.09 8.71 19.47
N GLU A 68 -4.52 9.90 19.00
CA GLU A 68 -4.48 10.17 17.56
C GLU A 68 -3.07 10.56 17.25
N HIS A 69 -2.41 9.81 16.39
CA HIS A 69 -1.00 10.02 16.06
C HIS A 69 -0.71 10.06 14.56
N GLY A 70 -1.75 10.23 13.78
CA GLY A 70 -1.66 10.57 12.37
C GLY A 70 -2.06 9.46 11.40
N ASP A 71 -3.05 8.65 11.78
CA ASP A 71 -3.58 7.63 10.84
C ASP A 71 -4.95 7.24 11.30
N PHE A 72 -5.51 6.18 10.70
CA PHE A 72 -6.83 5.71 11.06
C PHE A 72 -6.86 4.67 12.21
N TYR A 73 -5.77 4.58 12.96
CA TYR A 73 -5.65 3.58 14.02
C TYR A 73 -5.20 4.26 15.33
N PRO A 74 -6.04 5.16 15.84
CA PRO A 74 -5.63 5.89 17.07
C PRO A 74 -5.50 4.89 18.21
N PHE A 75 -4.56 5.16 19.09
CA PHE A 75 -4.39 4.39 20.28
C PHE A 75 -5.43 4.76 21.34
N ASP A 76 -5.46 3.99 22.45
CA ASP A 76 -6.62 3.98 23.32
C ASP A 76 -6.18 3.96 24.79
N GLY A 77 -5.00 4.47 25.08
CA GLY A 77 -4.56 4.55 26.51
C GLY A 77 -4.00 3.19 26.89
N PRO A 78 -3.77 3.01 28.19
CA PRO A 78 -3.15 1.79 28.68
C PRO A 78 -3.94 0.53 28.27
N SER A 79 -3.21 -0.51 27.99
CA SER A 79 -3.70 -1.83 27.48
C SER A 79 -4.61 -1.67 26.30
N GLY A 80 -5.49 -2.62 26.04
CA GLY A 80 -6.19 -2.61 24.73
C GLY A 80 -5.18 -2.80 23.60
N LEU A 81 -5.29 -1.97 22.58
CA LEU A 81 -4.38 -2.00 21.47
C LEU A 81 -3.03 -1.56 21.99
N LEU A 82 -1.98 -2.38 21.75
CA LEU A 82 -0.66 -2.08 22.30
C LEU A 82 0.23 -1.42 21.26
N ALA A 83 -0.05 -1.72 19.97
CA ALA A 83 0.80 -1.28 18.86
C ALA A 83 0.09 -1.76 17.59
N HIS A 84 0.50 -1.24 16.46
CA HIS A 84 0.00 -1.70 15.19
C HIS A 84 0.99 -1.39 14.09
N ALA A 85 0.91 -2.08 12.97
CA ALA A 85 1.91 -1.93 11.85
C ALA A 85 1.16 -2.17 10.53
N PHE A 86 1.47 -1.36 9.55
CA PHE A 86 0.82 -1.47 8.24
C PHE A 86 1.47 -2.52 7.38
N PRO A 87 0.65 -3.22 6.56
CA PRO A 87 1.14 -4.22 5.61
C PRO A 87 2.14 -3.55 4.66
N PRO A 88 2.95 -4.36 3.95
CA PRO A 88 3.89 -3.80 3.01
C PRO A 88 3.21 -2.89 1.91
N GLY A 89 3.94 -1.84 1.51
CA GLY A 89 3.38 -0.86 0.59
C GLY A 89 4.19 0.43 0.69
N PRO A 90 3.87 1.40 -0.19
CA PRO A 90 4.51 2.72 -0.15
C PRO A 90 4.04 3.56 1.05
N ASN A 91 4.83 4.60 1.38
CA ASN A 91 4.50 5.58 2.43
C ASN A 91 4.29 4.92 3.78
N TYR A 92 3.10 4.96 4.35
CA TYR A 92 2.92 4.41 5.66
C TYR A 92 2.95 2.86 5.67
N GLY A 93 2.86 2.24 4.48
CA GLY A 93 2.97 0.77 4.44
C GLY A 93 4.28 0.31 5.09
N GLY A 94 4.23 -0.77 5.83
CA GLY A 94 5.38 -1.26 6.60
C GLY A 94 5.60 -0.60 7.95
N ASP A 95 5.06 0.61 8.14
CA ASP A 95 5.43 1.37 9.37
C ASP A 95 4.83 0.74 10.61
N ALA A 96 5.49 0.91 11.72
CA ALA A 96 5.09 0.29 12.97
C ALA A 96 5.00 1.37 14.07
N HIS A 97 3.87 1.37 14.76
CA HIS A 97 3.55 2.34 15.77
C HIS A 97 3.28 1.66 17.06
N PHE A 98 3.81 2.23 18.13
CA PHE A 98 3.67 1.60 19.46
C PHE A 98 3.04 2.58 20.40
N ASP A 99 2.09 2.09 21.19
CA ASP A 99 1.29 2.99 22.08
C ASP A 99 2.17 3.26 23.31
N ASP A 100 2.55 4.53 23.46
CA ASP A 100 3.36 4.89 24.56
C ASP A 100 2.56 5.22 25.82
N ASP A 101 1.26 4.87 25.83
CA ASP A 101 0.56 4.77 27.13
C ASP A 101 0.74 3.35 27.73
N GLU A 102 1.43 2.45 27.01
CA GLU A 102 1.79 1.15 27.61
C GLU A 102 3.08 1.36 28.38
N THR A 103 3.44 0.38 29.24
CA THR A 103 4.79 0.35 29.83
C THR A 103 5.66 -0.65 29.12
N TRP A 104 6.64 -0.13 28.36
CA TRP A 104 7.55 -0.94 27.51
C TRP A 104 8.72 -1.35 28.38
N THR A 105 9.12 -2.60 28.26
CA THR A 105 10.25 -3.06 29.05
C THR A 105 11.21 -3.96 28.24
N SER A 106 12.34 -4.27 28.88
CA SER A 106 13.27 -5.23 28.32
C SER A 106 13.29 -6.36 29.33
N SER A 107 12.16 -6.61 29.99
CA SER A 107 12.13 -7.75 30.93
C SER A 107 10.73 -8.37 30.86
N SER A 108 10.36 -9.11 31.91
CA SER A 108 9.05 -9.77 32.01
C SER A 108 7.94 -8.81 32.49
N LYS A 109 8.30 -7.57 32.79
CA LYS A 109 7.34 -6.66 33.43
C LYS A 109 6.66 -5.93 32.27
N GLY A 110 5.60 -5.20 32.58
CA GLY A 110 4.83 -4.50 31.54
C GLY A 110 4.77 -5.34 30.23
N TYR A 111 5.00 -4.68 29.09
CA TYR A 111 4.98 -5.43 27.81
C TYR A 111 6.41 -5.40 27.30
N ASN A 112 6.95 -6.61 27.01
CA ASN A 112 8.28 -6.71 26.47
C ASN A 112 8.34 -6.16 25.06
N LEU A 113 9.14 -5.11 24.87
CA LEU A 113 9.18 -4.43 23.55
C LEU A 113 9.63 -5.38 22.45
N PHE A 114 10.64 -6.19 22.70
CA PHE A 114 11.13 -7.14 21.73
C PHE A 114 10.04 -8.04 21.15
N LEU A 115 9.29 -8.67 22.03
CA LEU A 115 8.20 -9.53 21.66
C LEU A 115 7.09 -8.83 20.86
N VAL A 116 6.57 -7.72 21.36
CA VAL A 116 5.58 -6.96 20.66
C VAL A 116 6.13 -6.46 19.33
N ALA A 117 7.35 -5.96 19.30
CA ALA A 117 7.94 -5.47 18.02
C ALA A 117 8.12 -6.66 17.03
N ALA A 118 8.57 -7.81 17.49
CA ALA A 118 8.70 -8.97 16.55
C ALA A 118 7.30 -9.27 15.96
N HIS A 119 6.24 -9.29 16.78
CA HIS A 119 4.85 -9.41 16.24
C HIS A 119 4.55 -8.32 15.26
N GLU A 120 4.75 -7.06 15.64
CA GLU A 120 4.40 -5.97 14.75
C GLU A 120 5.13 -6.03 13.43
N PHE A 121 6.42 -6.41 13.45
CA PHE A 121 7.20 -6.49 12.20
C PHE A 121 6.74 -7.65 11.31
N GLY A 122 6.05 -8.64 11.90
CA GLY A 122 5.37 -9.63 11.03
C GLY A 122 4.35 -8.92 10.13
N HIS A 123 3.61 -8.00 10.71
CA HIS A 123 2.67 -7.20 10.00
C HIS A 123 3.38 -6.35 8.97
N SER A 124 4.44 -5.68 9.39
CA SER A 124 5.19 -4.84 8.44
C SER A 124 5.60 -5.64 7.23
N LEU A 125 5.83 -6.96 7.42
CA LEU A 125 6.31 -7.82 6.31
C LEU A 125 5.22 -8.56 5.52
N GLY A 126 4.00 -8.55 6.02
CA GLY A 126 2.85 -9.06 5.27
C GLY A 126 2.07 -10.20 5.94
N LEU A 127 2.34 -10.42 7.24
CA LEU A 127 1.48 -11.38 7.98
C LEU A 127 0.39 -10.68 8.77
N ASP A 128 -0.80 -11.24 8.64
CA ASP A 128 -1.94 -10.80 9.43
C ASP A 128 -1.94 -11.65 10.70
N HIS A 129 -2.96 -11.49 11.55
CA HIS A 129 -3.06 -12.33 12.77
C HIS A 129 -3.35 -13.78 12.41
N SER A 130 -2.78 -14.67 13.25
CA SER A 130 -2.96 -16.08 13.20
C SER A 130 -4.05 -16.52 14.19
N LYS A 131 -4.76 -17.58 13.88
CA LYS A 131 -5.66 -18.21 14.84
C LYS A 131 -4.96 -19.14 15.85
N ASP A 132 -3.71 -19.52 15.57
CA ASP A 132 -2.97 -20.48 16.41
C ASP A 132 -2.52 -19.77 17.70
N PRO A 133 -3.09 -20.17 18.85
CA PRO A 133 -2.68 -19.60 20.16
C PRO A 133 -1.19 -19.72 20.47
N GLY A 134 -0.48 -20.62 19.76
CA GLY A 134 0.98 -20.81 19.97
C GLY A 134 1.79 -19.83 19.10
N ALA A 135 1.16 -19.06 18.18
CA ALA A 135 1.90 -18.27 17.19
C ALA A 135 2.33 -16.90 17.71
N LEU A 136 3.41 -16.38 17.15
CA LEU A 136 3.84 -15.03 17.47
C LEU A 136 2.81 -14.01 16.92
N MET A 137 2.16 -14.35 15.80
CA MET A 137 1.17 -13.44 15.18
C MET A 137 -0.21 -13.57 15.79
N PHE A 138 -0.35 -14.42 16.79
CA PHE A 138 -1.60 -14.44 17.59
C PHE A 138 -1.73 -13.07 18.26
N PRO A 139 -2.94 -12.48 18.24
CA PRO A 139 -3.07 -11.10 18.70
C PRO A 139 -3.25 -10.93 20.19
N ILE A 140 -2.82 -11.89 20.99
CA ILE A 140 -2.80 -11.75 22.46
C ILE A 140 -1.38 -11.89 22.96
N TYR A 141 -0.97 -10.93 23.79
CA TYR A 141 0.38 -10.92 24.37
C TYR A 141 0.67 -12.11 25.31
N THR A 142 1.84 -12.75 25.15
CA THR A 142 2.32 -13.75 26.10
C THR A 142 3.83 -13.55 26.26
N TYR A 143 4.29 -13.39 27.50
CA TYR A 143 5.74 -13.27 27.71
C TYR A 143 6.42 -14.64 27.80
N THR A 144 7.57 -14.73 27.14
CA THR A 144 8.51 -15.86 27.22
C THR A 144 9.89 -15.20 27.38
N GLY A 145 10.84 -15.87 28.09
CA GLY A 145 12.21 -15.32 28.18
C GLY A 145 13.24 -16.42 28.10
N LYS A 146 13.12 -17.22 27.02
CA LYS A 146 14.10 -18.30 26.80
C LYS A 146 15.08 -17.90 25.68
N PHE A 149 15.40 -17.51 21.42
CA PHE A 149 14.03 -17.34 21.01
C PHE A 149 13.81 -18.20 19.80
N MET A 150 12.70 -18.95 19.78
CA MET A 150 12.41 -19.78 18.62
C MET A 150 11.07 -19.33 17.98
N LEU A 151 11.11 -18.98 16.73
CA LEU A 151 9.89 -18.58 16.04
C LEU A 151 8.98 -19.77 15.83
N PRO A 152 7.71 -19.66 16.33
CA PRO A 152 6.86 -20.86 16.17
C PRO A 152 6.68 -21.23 14.68
N ASP A 153 6.36 -22.53 14.45
CA ASP A 153 6.21 -23.04 13.10
C ASP A 153 5.16 -22.30 12.28
N ASP A 154 4.03 -21.93 12.89
CA ASP A 154 2.99 -21.19 12.13
C ASP A 154 3.58 -19.92 11.53
N ASP A 155 4.38 -19.21 12.31
CA ASP A 155 4.96 -17.94 11.78
C ASP A 155 6.04 -18.18 10.71
N VAL A 156 6.85 -19.23 10.93
CA VAL A 156 7.87 -19.63 9.96
C VAL A 156 7.22 -19.94 8.62
N GLN A 157 6.19 -20.79 8.66
CA GLN A 157 5.54 -21.19 7.41
C GLN A 157 4.88 -19.98 6.75
N GLY A 158 4.32 -19.09 7.58
CA GLY A 158 3.68 -17.90 7.07
C GLY A 158 4.66 -17.02 6.38
N ILE A 159 5.73 -16.68 7.06
CA ILE A 159 6.71 -15.75 6.49
C ILE A 159 7.41 -16.40 5.26
N GLN A 160 7.73 -17.69 5.34
CA GLN A 160 8.42 -18.29 4.16
C GLN A 160 7.45 -18.44 2.93
N SER A 161 6.15 -18.47 3.19
CA SER A 161 5.16 -18.54 2.04
C SER A 161 5.29 -17.25 1.19
N LEU A 162 5.76 -16.18 1.83
CA LEU A 162 5.89 -14.88 1.16
C LEU A 162 7.30 -14.68 0.57
N TYR A 163 8.35 -14.96 1.36
CA TYR A 163 9.74 -14.64 0.98
C TYR A 163 10.69 -15.80 0.80
N GLY A 164 10.20 -17.05 0.94
CA GLY A 164 11.05 -18.22 0.91
C GLY A 164 11.90 -18.25 2.17
N PRO A 165 12.71 -19.31 2.29
CA PRO A 165 13.55 -19.56 3.46
C PRO A 165 14.89 -18.82 3.58
N GLY A 166 15.39 -18.23 2.50
CA GLY A 166 16.77 -17.78 2.51
C GLY A 166 17.72 -18.95 2.71
N ASP A 167 18.90 -18.65 3.26
CA ASP A 167 19.91 -19.73 3.44
C ASP A 167 19.32 -20.73 4.46
N GLU A 168 19.09 -21.94 4.00
CA GLU A 168 18.45 -22.91 4.89
C GLU A 168 19.48 -23.31 5.94
N ASP A 169 20.70 -22.84 5.70
CA ASP A 169 21.77 -22.57 6.68
C ASP A 169 22.40 -23.84 7.06
N TYR B 1 -1.78 -19.58 9.91
CA TYR B 1 -1.33 -18.20 9.65
C TYR B 1 -2.25 -17.52 8.65
N ASN B 2 -2.09 -16.20 8.53
CA ASN B 2 -2.80 -15.46 7.52
C ASN B 2 -1.89 -14.42 6.90
N VAL B 3 -2.00 -14.22 5.58
CA VAL B 3 -1.34 -13.11 4.91
C VAL B 3 -2.44 -12.12 4.57
N PHE B 4 -2.06 -10.97 4.00
CA PHE B 4 -3.04 -10.00 3.57
C PHE B 4 -3.29 -10.32 2.07
N PRO B 5 -4.43 -10.97 1.80
CA PRO B 5 -4.69 -11.42 0.43
C PRO B 5 -5.02 -10.20 -0.39
N ARG B 6 -4.52 -10.24 -1.61
CA ARG B 6 -4.73 -9.17 -2.60
C ARG B 6 -5.71 -9.76 -3.58
N THR B 7 -6.40 -8.91 -4.31
CA THR B 7 -7.17 -9.34 -5.45
C THR B 7 -6.32 -8.96 -6.64
N LEU B 8 -5.77 -9.98 -7.32
CA LEU B 8 -5.03 -9.70 -8.58
C LEU B 8 -5.91 -8.94 -9.56
N LYS B 9 -7.16 -9.38 -9.64
CA LYS B 9 -8.06 -8.88 -10.66
C LYS B 9 -9.48 -8.91 -10.14
N TRP B 10 -10.35 -8.11 -10.75
CA TRP B 10 -11.76 -8.12 -10.41
C TRP B 10 -12.34 -9.42 -10.81
N SER B 11 -13.15 -10.00 -9.90
CA SER B 11 -13.74 -11.31 -10.19
C SER B 11 -15.07 -11.15 -10.88
N LYS B 12 -15.33 -9.94 -11.37
CA LYS B 12 -16.55 -9.67 -12.11
C LYS B 12 -16.10 -8.79 -13.28
N MET B 13 -16.79 -8.94 -14.40
CA MET B 13 -16.51 -8.21 -15.64
C MET B 13 -17.21 -6.88 -15.71
N ASN B 14 -18.30 -6.73 -14.99
CA ASN B 14 -19.06 -5.47 -15.06
C ASN B 14 -18.75 -4.66 -13.84
N LEU B 15 -18.14 -3.50 -14.07
CA LEU B 15 -17.70 -2.61 -12.99
C LEU B 15 -18.42 -1.26 -13.10
N THR B 16 -18.62 -0.63 -11.94
CA THR B 16 -19.20 0.70 -11.90
C THR B 16 -18.18 1.71 -11.49
N TYR B 17 -18.43 2.95 -11.89
CA TYR B 17 -17.63 4.08 -11.42
C TYR B 17 -18.51 5.25 -11.08
N ARG B 18 -17.95 6.17 -10.26
CA ARG B 18 -18.69 7.36 -9.88
C ARG B 18 -17.69 8.51 -9.87
N ILE B 19 -18.04 9.60 -10.52
CA ILE B 19 -17.26 10.86 -10.46
C ILE B 19 -17.79 11.67 -9.26
N VAL B 20 -17.05 11.67 -8.14
CA VAL B 20 -17.58 12.19 -6.90
C VAL B 20 -17.61 13.72 -6.97
N ASN B 21 -16.57 14.27 -7.56
CA ASN B 21 -16.43 15.71 -7.64
C ASN B 21 -15.64 16.08 -8.90
N TYR B 22 -15.43 17.37 -9.11
CA TYR B 22 -14.94 17.85 -10.38
C TYR B 22 -13.90 18.93 -10.25
N THR B 23 -12.88 18.87 -11.14
CA THR B 23 -11.80 19.89 -11.15
C THR B 23 -12.34 21.26 -11.63
N PRO B 24 -11.78 22.37 -11.11
CA PRO B 24 -12.17 23.64 -11.64
C PRO B 24 -11.78 23.86 -13.12
N ASP B 25 -10.82 23.07 -13.64
CA ASP B 25 -10.09 23.42 -14.84
C ASP B 25 -10.76 23.06 -16.16
N MET B 26 -11.76 22.21 -16.07
CA MET B 26 -12.45 21.67 -17.25
C MET B 26 -13.94 21.70 -16.93
N THR B 27 -14.77 21.75 -17.96
CA THR B 27 -16.22 21.65 -17.76
C THR B 27 -16.60 20.26 -17.31
N HIS B 28 -17.79 20.13 -16.69
CA HIS B 28 -18.28 18.81 -16.27
C HIS B 28 -18.25 17.86 -17.47
N SER B 29 -18.74 18.36 -18.59
CA SER B 29 -18.78 17.56 -19.84
C SER B 29 -17.39 17.09 -20.27
N GLU B 30 -16.39 17.97 -20.18
CA GLU B 30 -15.03 17.56 -20.64
C GLU B 30 -14.48 16.49 -19.72
N VAL B 31 -14.70 16.66 -18.40
CA VAL B 31 -14.23 15.61 -17.40
C VAL B 31 -14.93 14.26 -17.63
N GLU B 32 -16.26 14.33 -17.90
CA GLU B 32 -17.00 13.13 -18.09
C GLU B 32 -16.47 12.37 -19.31
N LYS B 33 -16.26 13.13 -20.39
CA LYS B 33 -15.72 12.55 -21.64
C LYS B 33 -14.30 11.99 -21.46
N ALA B 34 -13.46 12.67 -20.65
CA ALA B 34 -12.08 12.23 -20.43
C ALA B 34 -12.13 10.85 -19.72
N PHE B 35 -12.92 10.75 -18.64
CA PHE B 35 -13.00 9.47 -17.92
C PHE B 35 -13.62 8.32 -18.75
N LYS B 36 -14.70 8.63 -19.48
CA LYS B 36 -15.39 7.62 -20.28
C LYS B 36 -14.44 7.06 -21.36
N LYS B 37 -13.63 7.95 -21.95
CA LYS B 37 -12.69 7.52 -22.97
C LYS B 37 -11.52 6.76 -22.30
N ALA B 38 -11.14 7.13 -21.08
CA ALA B 38 -10.12 6.39 -20.31
C ALA B 38 -10.58 4.97 -19.95
N PHE B 39 -11.85 4.81 -19.62
CA PHE B 39 -12.34 3.45 -19.40
C PHE B 39 -12.39 2.64 -20.70
N LYS B 40 -12.82 3.31 -21.80
CA LYS B 40 -12.94 2.63 -23.09
C LYS B 40 -11.60 2.06 -23.55
N VAL B 41 -10.49 2.74 -23.14
CA VAL B 41 -9.11 2.20 -23.38
C VAL B 41 -8.99 0.70 -23.02
N TRP B 42 -9.48 0.37 -21.84
CA TRP B 42 -9.36 -1.00 -21.28
C TRP B 42 -10.51 -1.89 -21.65
N SER B 43 -11.71 -1.29 -21.75
CA SER B 43 -12.88 -2.10 -22.18
C SER B 43 -12.75 -2.56 -23.64
N ASP B 44 -12.08 -1.79 -24.47
CA ASP B 44 -11.88 -2.17 -25.90
C ASP B 44 -11.03 -3.41 -26.09
N VAL B 45 -10.19 -3.78 -25.11
CA VAL B 45 -9.25 -4.90 -25.33
C VAL B 45 -9.47 -6.09 -24.35
N THR B 46 -10.62 -6.05 -23.67
CA THR B 46 -10.94 -7.00 -22.61
C THR B 46 -12.46 -7.17 -22.58
N PRO B 47 -12.92 -8.22 -21.86
CA PRO B 47 -14.37 -8.36 -21.61
C PRO B 47 -14.87 -7.38 -20.52
N LEU B 48 -14.03 -6.49 -19.95
CA LEU B 48 -14.52 -5.51 -18.93
C LEU B 48 -15.52 -4.50 -19.47
N ASN B 49 -16.55 -4.21 -18.66
CA ASN B 49 -17.53 -3.18 -19.05
C ASN B 49 -17.65 -2.21 -17.92
N PHE B 50 -17.84 -0.95 -18.26
CA PHE B 50 -17.91 0.10 -17.22
C PHE B 50 -19.16 0.95 -17.34
N THR B 51 -19.83 1.15 -16.18
CA THR B 51 -21.14 1.81 -16.07
C THR B 51 -20.95 2.94 -15.05
N ARG B 52 -21.49 4.10 -15.41
CA ARG B 52 -21.42 5.25 -14.47
C ARG B 52 -22.61 5.24 -13.50
N LEU B 53 -22.30 5.35 -12.21
CA LEU B 53 -23.32 5.67 -11.22
C LEU B 53 -23.19 7.14 -10.79
N HIS B 54 -24.32 7.77 -10.52
CA HIS B 54 -24.38 9.13 -10.06
C HIS B 54 -24.37 9.31 -8.58
N ASP B 55 -24.78 8.29 -7.86
CA ASP B 55 -24.94 8.31 -6.42
C ASP B 55 -24.58 7.00 -5.79
N GLY B 56 -24.21 7.08 -4.50
CA GLY B 56 -23.94 5.87 -3.73
C GLY B 56 -22.60 5.27 -4.06
N ILE B 57 -22.37 4.06 -3.56
CA ILE B 57 -21.05 3.44 -3.69
C ILE B 57 -20.97 2.77 -5.06
N ALA B 58 -19.82 3.00 -5.70
CA ALA B 58 -19.41 2.33 -6.95
C ALA B 58 -18.05 1.68 -6.77
N ASP B 59 -17.71 0.77 -7.69
CA ASP B 59 -16.44 0.04 -7.48
C ASP B 59 -15.27 1.02 -7.58
N ILE B 60 -15.27 1.84 -8.65
CA ILE B 60 -14.19 2.83 -8.85
C ILE B 60 -14.71 4.21 -8.50
N MET B 61 -14.39 4.66 -7.30
CA MET B 61 -14.82 5.99 -6.86
C MET B 61 -13.72 6.95 -7.31
N ILE B 62 -14.12 7.98 -8.08
CA ILE B 62 -13.18 8.94 -8.65
C ILE B 62 -13.36 10.31 -8.02
N SER B 63 -12.25 10.92 -7.60
CA SER B 63 -12.39 12.26 -7.00
C SER B 63 -11.11 13.08 -7.26
N PHE B 64 -11.24 14.39 -7.10
CA PHE B 64 -10.18 15.34 -7.17
C PHE B 64 -10.03 15.82 -5.72
N GLY B 65 -8.77 15.92 -5.29
CA GLY B 65 -8.46 16.46 -3.94
C GLY B 65 -7.05 17.03 -3.93
N ILE B 66 -6.68 17.72 -2.83
CA ILE B 66 -5.32 18.26 -2.72
C ILE B 66 -4.75 17.88 -1.34
N LYS B 67 -3.44 17.85 -1.24
CA LYS B 67 -2.79 17.59 0.05
C LYS B 67 -3.43 16.35 0.75
N GLU B 68 -3.75 16.47 2.04
CA GLU B 68 -4.34 15.31 2.74
C GLU B 68 -5.83 15.28 2.47
N HIS B 69 -6.30 14.16 1.87
CA HIS B 69 -7.66 14.18 1.30
C HIS B 69 -8.43 12.91 1.70
N GLY B 70 -7.89 12.19 2.68
CA GLY B 70 -8.69 11.16 3.33
C GLY B 70 -8.18 9.74 3.26
N ASP B 71 -6.98 9.55 2.76
CA ASP B 71 -6.35 8.22 2.79
C ASP B 71 -4.93 8.13 3.33
N PHE B 72 -4.45 9.23 3.90
CA PHE B 72 -3.07 9.35 4.41
C PHE B 72 -1.97 9.09 3.39
N TYR B 73 -2.30 9.18 2.09
CA TYR B 73 -1.33 9.32 0.95
C TYR B 73 -1.46 10.71 0.35
N PRO B 74 -1.00 11.74 1.10
CA PRO B 74 -1.31 13.07 0.69
C PRO B 74 -0.65 13.46 -0.66
N PHE B 75 -1.35 14.32 -1.40
CA PHE B 75 -0.76 14.98 -2.56
C PHE B 75 0.18 16.13 -2.12
N ASP B 76 0.92 16.70 -3.08
CA ASP B 76 2.11 17.46 -2.80
C ASP B 76 2.11 18.75 -3.52
N GLY B 77 0.93 19.31 -3.76
CA GLY B 77 0.87 20.54 -4.56
C GLY B 77 1.32 20.35 -6.02
N PRO B 78 1.49 21.48 -6.76
CA PRO B 78 1.72 21.38 -8.19
C PRO B 78 2.95 20.52 -8.51
N SER B 79 2.83 19.69 -9.52
CA SER B 79 3.88 18.83 -9.96
C SER B 79 4.08 17.57 -9.12
N GLY B 80 5.22 16.93 -9.29
CA GLY B 80 5.49 15.72 -8.49
C GLY B 80 4.42 14.67 -8.74
N LEU B 81 3.80 14.19 -7.67
CA LEU B 81 2.69 13.22 -7.83
C LEU B 81 1.48 13.84 -8.49
N LEU B 82 0.97 13.20 -9.54
CA LEU B 82 -0.18 13.75 -10.28
C LEU B 82 -1.50 13.17 -9.85
N ALA B 83 -1.44 11.90 -9.42
CA ALA B 83 -2.64 11.11 -9.22
C ALA B 83 -2.23 9.76 -8.68
N HIS B 84 -3.16 9.08 -8.03
CA HIS B 84 -2.88 7.67 -7.67
C HIS B 84 -4.19 6.88 -7.62
N ALA B 85 -4.04 5.55 -7.68
CA ALA B 85 -5.21 4.69 -7.70
C ALA B 85 -4.90 3.40 -6.97
N PHE B 86 -5.90 2.75 -6.41
CA PHE B 86 -5.69 1.55 -5.59
C PHE B 86 -6.02 0.32 -6.46
N PRO B 87 -5.32 -0.79 -6.24
CA PRO B 87 -5.60 -1.99 -6.99
C PRO B 87 -6.97 -2.59 -6.71
N PRO B 88 -7.42 -3.58 -7.52
CA PRO B 88 -8.75 -4.20 -7.33
C PRO B 88 -8.99 -4.64 -5.86
N GLY B 89 -10.24 -4.49 -5.44
CA GLY B 89 -10.73 -4.99 -4.17
C GLY B 89 -11.79 -4.07 -3.60
N PRO B 90 -12.28 -4.39 -2.39
CA PRO B 90 -13.37 -3.61 -1.75
C PRO B 90 -12.93 -2.29 -1.18
N ASN B 91 -13.92 -1.44 -0.85
CA ASN B 91 -13.67 -0.15 -0.27
C ASN B 91 -12.78 0.70 -1.16
N TYR B 92 -11.62 1.09 -0.68
CA TYR B 92 -10.73 2.03 -1.45
C TYR B 92 -10.18 1.38 -2.72
N GLY B 93 -10.22 0.01 -2.75
CA GLY B 93 -9.75 -0.74 -3.95
C GLY B 93 -10.40 -0.20 -5.20
N GLY B 94 -9.63 -0.06 -6.27
CA GLY B 94 -10.12 0.46 -7.55
C GLY B 94 -10.24 1.97 -7.64
N ASP B 95 -10.25 2.65 -6.48
CA ASP B 95 -10.55 4.13 -6.48
C ASP B 95 -9.33 4.92 -7.04
N ALA B 96 -9.61 6.11 -7.60
CA ALA B 96 -8.63 6.89 -8.31
C ALA B 96 -8.80 8.36 -7.86
N HIS B 97 -7.71 8.93 -7.38
CA HIS B 97 -7.61 10.31 -6.95
C HIS B 97 -6.68 11.08 -7.80
N PHE B 98 -7.07 12.30 -8.15
CA PHE B 98 -6.30 13.17 -9.02
C PHE B 98 -5.97 14.42 -8.23
N ASP B 99 -4.71 14.86 -8.33
CA ASP B 99 -4.24 16.00 -7.50
C ASP B 99 -4.76 17.30 -8.13
N ASP B 100 -5.70 17.93 -7.44
CA ASP B 100 -6.27 19.16 -7.99
C ASP B 100 -5.37 20.37 -7.77
N ASP B 101 -4.11 20.15 -7.35
CA ASP B 101 -3.10 21.20 -7.48
C ASP B 101 -2.36 21.14 -8.83
N GLU B 102 -2.72 20.18 -9.71
CA GLU B 102 -2.25 20.20 -11.09
C GLU B 102 -3.25 20.94 -11.93
N THR B 103 -2.87 21.36 -13.11
CA THR B 103 -3.80 21.90 -14.09
C THR B 103 -4.20 20.77 -15.05
N TRP B 104 -5.48 20.44 -15.05
CA TRP B 104 -6.05 19.36 -15.89
C TRP B 104 -6.65 19.99 -17.10
N THR B 105 -6.48 19.32 -18.24
CA THR B 105 -6.93 19.91 -19.52
C THR B 105 -7.50 18.82 -20.41
N SER B 106 -8.35 19.22 -21.35
CA SER B 106 -8.75 18.34 -22.41
C SER B 106 -7.72 18.35 -23.54
N SER B 107 -6.73 19.26 -23.49
CA SER B 107 -5.66 19.25 -24.53
C SER B 107 -4.27 19.11 -23.90
N SER B 108 -3.44 20.14 -24.10
CA SER B 108 -2.01 20.11 -23.80
C SER B 108 -1.52 21.15 -22.77
N LYS B 109 -2.34 22.12 -22.38
CA LYS B 109 -1.88 23.17 -21.47
C LYS B 109 -2.10 22.68 -20.04
N GLY B 110 -1.16 21.90 -19.52
CA GLY B 110 -1.40 21.24 -18.26
C GLY B 110 -1.22 19.73 -18.46
N TYR B 111 -1.82 18.95 -17.60
CA TYR B 111 -1.80 17.50 -17.76
C TYR B 111 -3.11 17.01 -18.36
N ASN B 112 -2.97 16.24 -19.42
CA ASN B 112 -4.18 15.77 -20.13
C ASN B 112 -4.89 14.73 -19.24
N LEU B 113 -6.09 15.07 -18.77
CA LEU B 113 -6.82 14.21 -17.81
C LEU B 113 -7.06 12.78 -18.37
N PHE B 114 -7.43 12.69 -19.63
CA PHE B 114 -7.71 11.41 -20.24
C PHE B 114 -6.51 10.46 -20.12
N LEU B 115 -5.36 10.97 -20.48
CA LEU B 115 -4.16 10.16 -20.45
C LEU B 115 -3.80 9.74 -19.04
N VAL B 116 -3.77 10.68 -18.14
CA VAL B 116 -3.50 10.37 -16.77
C VAL B 116 -4.56 9.41 -16.18
N ALA B 117 -5.83 9.68 -16.41
CA ALA B 117 -6.90 8.76 -15.97
C ALA B 117 -6.73 7.33 -16.54
N ALA B 118 -6.37 7.22 -17.82
CA ALA B 118 -6.29 5.86 -18.46
C ALA B 118 -5.15 5.12 -17.77
N HIS B 119 -4.09 5.85 -17.49
CA HIS B 119 -3.03 5.29 -16.67
C HIS B 119 -3.52 4.81 -15.32
N GLU B 120 -4.21 5.68 -14.60
CA GLU B 120 -4.64 5.37 -13.22
C GLU B 120 -5.62 4.19 -13.24
N PHE B 121 -6.52 4.15 -14.22
CA PHE B 121 -7.48 3.01 -14.26
C PHE B 121 -6.76 1.67 -14.54
N GLY B 122 -5.63 1.72 -15.25
CA GLY B 122 -4.80 0.47 -15.37
C GLY B 122 -4.46 -0.06 -13.98
N HIS B 123 -4.06 0.84 -13.06
CA HIS B 123 -3.84 0.47 -11.64
C HIS B 123 -5.10 -0.06 -10.98
N SER B 124 -6.21 0.65 -11.20
CA SER B 124 -7.53 0.24 -10.62
C SER B 124 -7.88 -1.17 -11.05
N LEU B 125 -7.33 -1.60 -12.22
CA LEU B 125 -7.74 -2.88 -12.82
C LEU B 125 -6.70 -3.99 -12.54
N GLY B 126 -5.57 -3.59 -11.98
CA GLY B 126 -4.54 -4.54 -11.47
C GLY B 126 -3.16 -4.49 -12.12
N LEU B 127 -2.92 -3.47 -12.93
CA LEU B 127 -1.56 -3.23 -13.50
C LEU B 127 -0.69 -2.32 -12.64
N ASP B 128 0.56 -2.73 -12.48
CA ASP B 128 1.57 -1.90 -11.79
C ASP B 128 2.32 -1.18 -12.93
N HIS B 129 3.39 -0.49 -12.60
CA HIS B 129 4.12 0.27 -13.61
C HIS B 129 4.88 -0.62 -14.55
N SER B 130 4.94 -0.20 -15.79
CA SER B 130 5.72 -0.90 -16.76
C SER B 130 7.11 -0.31 -16.71
N LYS B 131 8.10 -1.13 -17.07
CA LYS B 131 9.47 -0.66 -17.32
C LYS B 131 9.69 -0.32 -18.76
N ASP B 132 8.72 -0.64 -19.63
CA ASP B 132 8.79 -0.27 -21.05
C ASP B 132 8.48 1.22 -21.22
N PRO B 133 9.46 2.02 -21.71
CA PRO B 133 9.26 3.48 -21.83
C PRO B 133 8.13 3.93 -22.76
N GLY B 134 7.69 3.02 -23.63
CA GLY B 134 6.57 3.28 -24.53
C GLY B 134 5.18 2.92 -23.99
N ALA B 135 5.14 2.36 -22.81
CA ALA B 135 3.86 1.89 -22.22
C ALA B 135 3.06 3.04 -21.62
N LEU B 136 1.73 2.88 -21.69
CA LEU B 136 0.83 3.76 -20.95
C LEU B 136 1.10 3.65 -19.47
N MET B 137 1.42 2.44 -19.05
CA MET B 137 1.74 2.21 -17.62
C MET B 137 3.10 2.68 -17.13
N PHE B 138 3.90 3.24 -18.01
CA PHE B 138 5.20 3.82 -17.64
C PHE B 138 4.86 5.00 -16.77
N PRO B 139 5.58 5.18 -15.63
CA PRO B 139 5.27 6.22 -14.66
C PRO B 139 5.77 7.64 -15.02
N ILE B 140 5.92 7.95 -16.31
CA ILE B 140 6.22 9.31 -16.74
C ILE B 140 5.20 9.82 -17.76
N TYR B 141 4.70 11.02 -17.50
CA TYR B 141 3.67 11.60 -18.40
C TYR B 141 4.32 12.01 -19.70
N THR B 142 3.72 11.62 -20.83
CA THR B 142 4.08 12.23 -22.14
C THR B 142 2.79 12.47 -22.95
N TYR B 143 2.82 13.51 -23.78
CA TYR B 143 1.61 13.91 -24.54
C TYR B 143 1.99 13.99 -26.01
N THR B 144 1.46 13.15 -26.91
CA THR B 144 2.04 13.14 -28.27
C THR B 144 1.46 14.25 -29.18
N GLY B 145 0.30 14.74 -28.75
CA GLY B 145 -0.50 15.68 -29.50
C GLY B 145 -1.41 15.06 -30.57
N LYS B 146 -1.25 13.75 -30.81
CA LYS B 146 -2.11 13.02 -31.77
C LYS B 146 -3.52 13.02 -31.27
N SER B 147 -4.44 13.22 -32.23
CA SER B 147 -5.84 13.21 -31.88
C SER B 147 -6.31 11.81 -31.54
N HIS B 148 -5.64 10.78 -32.07
CA HIS B 148 -6.09 9.38 -31.78
C HIS B 148 -5.21 8.69 -30.78
N PHE B 149 -5.82 7.96 -29.88
CA PHE B 149 -5.04 7.18 -28.95
C PHE B 149 -5.02 5.70 -29.36
N MET B 150 -3.89 5.07 -29.18
CA MET B 150 -3.74 3.67 -29.43
C MET B 150 -3.08 3.01 -28.23
N LEU B 151 -3.68 2.00 -27.63
CA LEU B 151 -3.05 1.40 -26.44
C LEU B 151 -1.78 0.64 -26.82
N PRO B 152 -0.66 0.96 -26.16
CA PRO B 152 0.56 0.27 -26.61
C PRO B 152 0.44 -1.25 -26.35
N ASP B 153 1.23 -2.04 -27.09
CA ASP B 153 1.15 -3.48 -26.96
C ASP B 153 1.53 -3.99 -25.58
N ASP B 154 2.47 -3.35 -24.91
CA ASP B 154 2.87 -3.79 -23.58
C ASP B 154 1.63 -3.76 -22.64
N ASP B 155 0.85 -2.68 -22.71
CA ASP B 155 -0.34 -2.54 -21.84
C ASP B 155 -1.45 -3.48 -22.29
N VAL B 156 -1.53 -3.70 -23.59
CA VAL B 156 -2.51 -4.67 -24.11
C VAL B 156 -2.20 -6.07 -23.59
N GLN B 157 -0.93 -6.44 -23.63
CA GLN B 157 -0.54 -7.78 -23.12
C GLN B 157 -0.68 -7.91 -21.59
N GLY B 158 -0.43 -6.84 -20.86
CA GLY B 158 -0.57 -6.88 -19.40
C GLY B 158 -2.04 -6.98 -18.95
N ILE B 159 -2.91 -6.14 -19.56
CA ILE B 159 -4.30 -6.20 -19.17
C ILE B 159 -4.90 -7.56 -19.60
N GLN B 160 -4.54 -8.02 -20.78
CA GLN B 160 -5.08 -9.33 -21.22
C GLN B 160 -4.54 -10.53 -20.42
N SER B 161 -3.36 -10.39 -19.81
CA SER B 161 -2.81 -11.48 -18.96
C SER B 161 -3.75 -11.70 -17.75
N LEU B 162 -4.46 -10.65 -17.34
CA LEU B 162 -5.41 -10.71 -16.27
C LEU B 162 -6.80 -11.14 -16.72
N TYR B 163 -7.32 -10.48 -17.74
CA TYR B 163 -8.72 -10.66 -18.11
C TYR B 163 -8.94 -11.31 -19.45
N GLY B 164 -7.86 -11.48 -20.22
CA GLY B 164 -7.99 -12.04 -21.56
C GLY B 164 -8.55 -10.97 -22.52
N PRO B 165 -8.60 -11.28 -23.82
CA PRO B 165 -9.18 -10.36 -24.80
C PRO B 165 -10.69 -10.27 -24.63
N GLY B 166 -11.31 -9.31 -25.27
CA GLY B 166 -12.74 -9.34 -25.41
C GLY B 166 -13.19 -10.06 -26.68
#